data_4X6H
#
_entry.id   4X6H
#
_cell.length_a   36.439
_cell.length_b   54.551
_cell.length_c   88.015
_cell.angle_alpha   90.000
_cell.angle_beta   90.000
_cell.angle_gamma   90.000
#
_symmetry.space_group_name_H-M   'P 21 21 21'
#
loop_
_entity.id
_entity.type
_entity.pdbx_description
1 polymer 'Cathepsin K'
2 non-polymer 4-amino-3-fluoro-N-(1-{[(2Z)-2-iminoethyl]carbamoyl}cyclohexyl)benzamide
3 non-polymer 4-amino-N-{1-[(cyanomethyl)carbamoyl]cyclohexyl}-3-fluorobenzamide
4 non-polymer 'SULFATE ION'
5 water water
#
_entity_poly.entity_id   1
_entity_poly.type   'polypeptide(L)'
_entity_poly.pdbx_seq_one_letter_code
;APDSVDYRKKGYVTPVKNQGQCGSCWAFSSVGALEGQLKKKTGKLLNLSPQNLVDCVSENDGCGGGYMTNAFQYVQKNRG
IDSEDAYPYVGQEESCMYNPTGKAAKCRGYREIPEGNEKALKRAVARVGPVSVAIDASLTSFQFYSKGVYYDESCNSDNL
NHAVLAVGYGIQKGNKHWIIKNSWGENWGNKGYILMARNKNNACGIANLASFPKM
;
_entity_poly.pdbx_strand_id   A
#
loop_
_chem_comp.id
_chem_comp.type
_chem_comp.name
_chem_comp.formula
3XT non-polymer 4-amino-3-fluoro-N-(1-{[(2Z)-2-iminoethyl]carbamoyl}cyclohexyl)benzamide 'C16 H21 F N4 O2'
I37 non-polymer 4-amino-N-{1-[(cyanomethyl)carbamoyl]cyclohexyl}-3-fluorobenzamide 'C16 H19 F N4 O2'
SO4 non-polymer 'SULFATE ION' 'O4 S -2'
#
# COMPACT_ATOMS: atom_id res chain seq x y z
N ALA A 1 16.45 -2.04 13.91
CA ALA A 1 15.01 -1.93 13.76
C ALA A 1 14.36 -2.69 14.90
N PRO A 2 13.17 -2.26 15.34
CA PRO A 2 12.52 -2.98 16.43
C PRO A 2 12.12 -4.40 15.98
N ASP A 3 11.86 -5.30 16.92
CA ASP A 3 11.42 -6.65 16.50
C ASP A 3 9.99 -6.60 15.94
N SER A 4 9.14 -5.65 16.37
CA SER A 4 7.79 -5.50 15.85
CA SER A 4 7.88 -5.48 15.80
C SER A 4 7.48 -4.05 15.75
N VAL A 5 6.59 -3.70 14.81
CA VAL A 5 6.15 -2.30 14.55
CA VAL A 5 6.00 -2.33 14.80
C VAL A 5 4.69 -2.42 14.08
N ASP A 6 3.77 -1.56 14.55
CA ASP A 6 2.38 -1.56 14.01
C ASP A 6 1.96 -0.09 13.92
N TYR A 7 2.07 0.48 12.69
CA TYR A 7 1.73 1.91 12.52
C TYR A 7 0.28 2.22 12.70
N ARG A 8 -0.61 1.24 12.75
CA ARG A 8 -2.03 1.51 13.07
C ARG A 8 -2.10 2.07 14.50
N LYS A 9 -1.18 1.65 15.38
CA LYS A 9 -1.20 2.14 16.78
C LYS A 9 -0.76 3.56 16.90
N LYS A 10 0.02 4.05 15.93
CA LYS A 10 0.54 5.40 15.90
CA LYS A 10 0.54 5.40 15.90
C LYS A 10 -0.38 6.37 15.14
N GLY A 11 -1.50 5.88 14.65
CA GLY A 11 -2.45 6.73 13.94
C GLY A 11 -2.00 7.12 12.52
N TYR A 12 -1.11 6.33 11.92
CA TYR A 12 -0.62 6.59 10.56
C TYR A 12 -1.49 5.99 9.48
N VAL A 13 -2.55 5.27 9.82
CA VAL A 13 -3.28 4.47 8.83
C VAL A 13 -4.75 4.85 8.83
N THR A 14 -5.27 5.21 7.66
CA THR A 14 -6.67 5.59 7.49
C THR A 14 -7.55 4.35 7.43
N PRO A 15 -8.88 4.51 7.42
CA PRO A 15 -9.75 3.33 7.36
C PRO A 15 -9.52 2.54 6.08
N VAL A 16 -9.82 1.27 6.12
CA VAL A 16 -9.78 0.41 4.93
C VAL A 16 -10.79 0.87 3.90
N LYS A 17 -10.35 0.94 2.66
CA LYS A 17 -11.16 1.37 1.53
C LYS A 17 -11.53 0.14 0.68
N ASN A 18 -12.40 0.37 -0.30
CA ASN A 18 -12.84 -0.69 -1.17
C ASN A 18 -12.76 -0.22 -2.61
N GLN A 19 -11.82 -0.77 -3.37
CA GLN A 19 -11.59 -0.35 -4.74
C GLN A 19 -12.70 -0.80 -5.72
N GLY A 20 -13.46 -1.80 -5.33
CA GLY A 20 -14.51 -2.25 -6.26
C GLY A 20 -13.92 -2.93 -7.50
N GLN A 21 -14.66 -2.91 -8.61
N GLN A 21 -14.77 -2.80 -8.55
CA GLN A 21 -14.23 -3.62 -9.84
CA GLN A 21 -14.45 -3.39 -9.85
C GLN A 21 -12.93 -3.15 -10.54
C GLN A 21 -13.65 -2.48 -10.77
N CYS A 22 -12.67 -1.88 -10.32
CA CYS A 22 -11.56 -1.15 -10.95
C CYS A 22 -10.22 -1.70 -10.45
N GLY A 23 -9.27 -1.94 -11.35
CA GLY A 23 -7.94 -2.42 -10.99
C GLY A 23 -7.04 -1.29 -10.48
N SER A 24 -7.52 -0.59 -9.46
CA SER A 24 -6.80 0.56 -8.92
C SER A 24 -6.05 0.29 -7.62
N CYS A 25 -5.77 -0.97 -7.33
N CYS A 25 -5.78 -0.95 -7.27
CA CYS A 25 -5.02 -1.36 -6.11
CA CYS A 25 -5.08 -1.24 -6.01
C CYS A 25 -3.74 -0.51 -5.99
C CYS A 25 -3.73 -0.51 -5.93
N TRP A 26 -3.04 -0.29 -7.11
CA TRP A 26 -1.79 0.49 -7.07
C TRP A 26 -2.03 1.91 -6.56
N ALA A 27 -3.21 2.46 -6.87
CA ALA A 27 -3.54 3.82 -6.43
C ALA A 27 -3.86 3.81 -4.91
N PHE A 28 -4.65 2.84 -4.46
CA PHE A 28 -4.90 2.72 -3.00
C PHE A 28 -3.63 2.46 -2.22
N SER A 29 -2.74 1.61 -2.78
CA SER A 29 -1.46 1.35 -2.10
C SER A 29 -0.63 2.64 -2.01
N SER A 30 -0.55 3.37 -3.11
CA SER A 30 0.24 4.59 -3.12
C SER A 30 -0.32 5.64 -2.17
N VAL A 31 -1.64 5.83 -2.19
CA VAL A 31 -2.29 6.75 -1.28
CA VAL A 31 -2.17 6.83 -1.21
C VAL A 31 -1.99 6.36 0.18
N GLY A 32 -2.05 5.07 0.50
CA GLY A 32 -1.81 4.66 1.89
C GLY A 32 -0.39 4.99 2.33
N ALA A 33 0.59 4.82 1.44
CA ALA A 33 1.96 5.15 1.82
C ALA A 33 2.10 6.68 1.99
N LEU A 34 1.48 7.46 1.10
CA LEU A 34 1.48 8.91 1.25
C LEU A 34 0.79 9.32 2.55
N GLU A 35 -0.33 8.71 2.89
CA GLU A 35 -1.08 9.04 4.15
C GLU A 35 -0.18 8.85 5.36
N GLY A 36 0.59 7.76 5.36
CA GLY A 36 1.48 7.52 6.48
C GLY A 36 2.56 8.59 6.58
N GLN A 37 3.15 9.01 5.47
CA GLN A 37 4.16 10.05 5.51
C GLN A 37 3.54 11.40 5.88
N LEU A 38 2.31 11.65 5.47
CA LEU A 38 1.65 12.89 5.84
C LEU A 38 1.46 12.94 7.35
N LYS A 39 1.01 11.86 7.95
CA LYS A 39 0.84 11.83 9.42
C LYS A 39 2.19 12.01 10.12
N LYS A 40 3.21 11.34 9.66
CA LYS A 40 4.53 11.45 10.28
C LYS A 40 5.04 12.89 10.17
N LYS A 41 4.81 13.55 9.06
CA LYS A 41 5.36 14.90 8.85
CA LYS A 41 5.34 14.89 8.82
C LYS A 41 4.55 15.98 9.55
N THR A 42 3.23 15.91 9.51
CA THR A 42 2.38 17.03 10.02
C THR A 42 1.61 16.75 11.25
N GLY A 43 1.55 15.49 11.66
CA GLY A 43 0.76 15.09 12.79
C GLY A 43 -0.72 14.88 12.48
N LYS A 44 -1.15 15.11 11.24
CA LYS A 44 -2.54 14.98 10.86
C LYS A 44 -2.78 13.97 9.72
N LEU A 45 -3.74 13.13 10.03
CA LEU A 45 -4.15 12.01 9.15
C LEU A 45 -5.36 12.40 8.34
N LEU A 46 -5.30 12.21 7.02
CA LEU A 46 -6.40 12.54 6.17
CA LEU A 46 -6.31 12.60 6.10
C LEU A 46 -6.43 11.52 5.01
N ASN A 47 -7.59 11.23 4.50
CA ASN A 47 -7.72 10.34 3.35
C ASN A 47 -7.29 11.09 2.10
N LEU A 48 -6.38 10.51 1.32
CA LEU A 48 -5.95 11.08 0.06
C LEU A 48 -6.66 10.40 -1.11
N SER A 49 -6.56 10.99 -2.30
CA SER A 49 -7.37 10.57 -3.45
C SER A 49 -6.81 9.56 -4.42
N PRO A 50 -7.24 8.28 -4.33
CA PRO A 50 -6.74 7.34 -5.36
C PRO A 50 -7.33 7.71 -6.73
N GLN A 51 -8.51 8.33 -6.82
CA GLN A 51 -9.05 8.71 -8.12
C GLN A 51 -8.15 9.70 -8.84
N ASN A 52 -7.55 10.61 -8.08
CA ASN A 52 -6.64 11.59 -8.66
C ASN A 52 -5.52 10.83 -9.36
N LEU A 53 -5.04 9.75 -8.75
CA LEU A 53 -3.96 8.95 -9.36
C LEU A 53 -4.45 8.18 -10.59
N VAL A 54 -5.61 7.52 -10.46
CA VAL A 54 -6.17 6.78 -11.57
C VAL A 54 -6.29 7.68 -12.82
N ASP A 55 -6.83 8.88 -12.62
CA ASP A 55 -7.10 9.75 -13.77
C ASP A 55 -5.92 10.49 -14.31
N CYS A 56 -4.91 10.71 -13.48
CA CYS A 56 -3.84 11.64 -13.84
C CYS A 56 -2.45 11.06 -14.02
N VAL A 57 -2.22 9.83 -13.56
CA VAL A 57 -0.87 9.21 -13.76
C VAL A 57 -0.89 8.59 -15.17
N SER A 58 -0.46 9.39 -16.15
CA SER A 58 -0.43 8.94 -17.57
C SER A 58 0.55 7.83 -17.84
N GLU A 59 1.51 7.60 -16.94
CA GLU A 59 2.44 6.48 -17.11
C GLU A 59 1.83 5.15 -16.62
N ASN A 60 0.61 5.18 -16.03
CA ASN A 60 -0.10 3.98 -15.60
C ASN A 60 -1.32 3.79 -16.48
N ASP A 61 -2.03 2.69 -16.24
CA ASP A 61 -3.18 2.29 -17.06
C ASP A 61 -4.50 2.36 -16.33
N GLY A 62 -4.65 3.32 -15.38
CA GLY A 62 -5.96 3.52 -14.76
C GLY A 62 -6.51 2.28 -14.07
N CYS A 63 -7.73 1.93 -14.39
CA CYS A 63 -8.36 0.70 -13.85
C CYS A 63 -7.79 -0.56 -14.45
N GLY A 64 -6.90 -0.45 -15.44
CA GLY A 64 -6.25 -1.61 -16.00
C GLY A 64 -4.99 -1.95 -15.22
N GLY A 65 -4.53 -1.13 -14.28
CA GLY A 65 -3.38 -1.42 -13.47
C GLY A 65 -2.33 -0.33 -13.57
N GLY A 66 -1.33 -0.44 -12.71
CA GLY A 66 -0.28 0.58 -12.66
C GLY A 66 0.79 0.25 -11.67
N TYR A 67 1.83 1.11 -11.63
CA TYR A 67 2.90 0.96 -10.63
C TYR A 67 2.83 2.09 -9.64
N MET A 68 3.17 1.77 -8.38
CA MET A 68 3.23 2.76 -7.32
C MET A 68 4.33 3.76 -7.51
N THR A 69 5.50 3.35 -8.01
CA THR A 69 6.57 4.31 -8.23
C THR A 69 6.14 5.38 -9.21
N ASN A 70 5.41 5.03 -10.27
CA ASN A 70 4.92 6.04 -11.25
C ASN A 70 3.98 6.98 -10.56
N ALA A 71 3.16 6.48 -9.62
CA ALA A 71 2.23 7.36 -8.88
C ALA A 71 3.00 8.37 -8.02
N PHE A 72 4.01 7.92 -7.28
CA PHE A 72 4.80 8.87 -6.47
C PHE A 72 5.48 9.92 -7.37
N GLN A 73 6.01 9.51 -8.53
CA GLN A 73 6.66 10.46 -9.42
C GLN A 73 5.66 11.49 -9.91
N TYR A 74 4.42 11.06 -10.20
CA TYR A 74 3.39 12.01 -10.61
C TYR A 74 3.12 13.03 -9.48
N VAL A 75 2.94 12.56 -8.24
CA VAL A 75 2.59 13.50 -7.18
C VAL A 75 3.71 14.55 -7.02
N GLN A 76 4.97 14.10 -7.10
CA GLN A 76 6.09 15.01 -7.03
C GLN A 76 6.08 16.04 -8.18
N LYS A 77 5.95 15.56 -9.41
CA LYS A 77 5.94 16.47 -10.60
C LYS A 77 4.72 17.41 -10.56
N ASN A 78 3.61 16.92 -10.03
CA ASN A 78 2.34 17.66 -10.02
C ASN A 78 2.28 18.69 -8.91
N ARG A 79 3.24 18.65 -8.00
CA ARG A 79 3.29 19.56 -6.84
CA ARG A 79 3.27 19.57 -6.82
C ARG A 79 2.11 19.34 -5.88
N GLY A 80 1.49 18.14 -5.91
CA GLY A 80 0.45 17.83 -4.95
C GLY A 80 -0.46 16.69 -5.35
N ILE A 81 -1.20 16.21 -4.36
CA ILE A 81 -2.28 15.26 -4.55
C ILE A 81 -3.48 15.79 -3.76
N ASP A 82 -4.67 15.61 -4.29
CA ASP A 82 -5.89 16.03 -3.63
C ASP A 82 -6.30 15.08 -2.51
N SER A 83 -7.09 15.62 -1.57
CA SER A 83 -7.74 14.74 -0.57
C SER A 83 -8.82 13.91 -1.26
N GLU A 84 -9.24 12.84 -0.61
CA GLU A 84 -10.35 12.03 -1.09
C GLU A 84 -11.64 12.91 -1.20
N ASP A 85 -11.91 13.73 -0.18
CA ASP A 85 -13.16 14.54 -0.25
C ASP A 85 -13.11 15.53 -1.40
N ALA A 86 -11.92 16.04 -1.76
CA ALA A 86 -11.82 16.97 -2.88
C ALA A 86 -11.87 16.28 -4.24
N TYR A 87 -11.54 15.00 -4.34
CA TYR A 87 -11.48 14.28 -5.65
C TYR A 87 -11.91 12.86 -5.28
N PRO A 88 -13.21 12.66 -5.09
CA PRO A 88 -13.72 11.36 -4.67
C PRO A 88 -13.56 10.20 -5.64
N TYR A 89 -13.51 9.02 -5.06
CA TYR A 89 -13.37 7.80 -5.86
C TYR A 89 -14.67 7.48 -6.56
N VAL A 90 -14.59 7.26 -7.86
CA VAL A 90 -15.81 6.93 -8.62
C VAL A 90 -15.71 5.57 -9.28
N GLY A 91 -14.56 4.91 -9.23
CA GLY A 91 -14.47 3.53 -9.73
C GLY A 91 -14.30 3.33 -11.24
N GLN A 92 -13.95 4.36 -12.00
CA GLN A 92 -13.69 4.29 -13.45
C GLN A 92 -12.69 5.37 -13.79
N GLU A 93 -11.90 5.17 -14.83
CA GLU A 93 -10.93 6.19 -15.23
C GLU A 93 -11.65 7.35 -15.97
N GLU A 94 -11.16 8.57 -15.73
CA GLU A 94 -11.74 9.79 -16.37
C GLU A 94 -10.58 10.62 -16.81
N SER A 95 -10.89 11.73 -17.49
CA SER A 95 -9.85 12.72 -17.79
CA SER A 95 -9.88 12.76 -17.79
C SER A 95 -9.29 13.24 -16.41
N CYS A 96 -8.08 13.76 -16.45
CA CYS A 96 -7.47 14.30 -15.25
C CYS A 96 -8.22 15.56 -14.81
N MET A 97 -8.77 15.53 -13.58
CA MET A 97 -9.51 16.67 -13.02
C MET A 97 -8.92 17.13 -11.69
N TYR A 98 -7.62 16.99 -11.56
CA TYR A 98 -6.96 17.43 -10.33
C TYR A 98 -7.23 18.93 -10.12
N ASN A 99 -7.49 19.32 -8.91
CA ASN A 99 -7.67 20.75 -8.61
C ASN A 99 -6.69 21.12 -7.49
N PRO A 100 -5.75 22.01 -7.78
CA PRO A 100 -4.79 22.36 -6.74
C PRO A 100 -5.36 22.96 -5.48
N THR A 101 -6.56 23.52 -5.54
CA THR A 101 -7.17 24.09 -4.33
C THR A 101 -7.46 22.97 -3.31
N GLY A 102 -7.65 21.72 -3.79
CA GLY A 102 -7.92 20.58 -2.91
C GLY A 102 -6.67 19.85 -2.46
N LYS A 103 -5.48 20.40 -2.69
CA LYS A 103 -4.22 19.73 -2.38
CA LYS A 103 -4.29 19.57 -2.39
C LYS A 103 -4.15 19.42 -0.91
N ALA A 104 -3.76 18.19 -0.53
CA ALA A 104 -3.64 17.82 0.90
C ALA A 104 -2.30 17.17 1.20
N ALA A 105 -1.45 16.90 0.20
CA ALA A 105 -0.11 16.38 0.46
C ALA A 105 0.76 16.64 -0.73
N LYS A 106 2.07 16.63 -0.50
CA LYS A 106 3.07 16.74 -1.56
C LYS A 106 4.02 15.54 -1.48
N CYS A 107 4.86 15.38 -2.47
CA CYS A 107 5.83 14.25 -2.48
C CYS A 107 7.13 14.80 -3.03
N ARG A 108 8.23 14.42 -2.37
CA ARG A 108 9.57 14.88 -2.79
C ARG A 108 10.41 13.79 -3.44
N GLY A 109 9.76 12.74 -3.87
CA GLY A 109 10.46 11.64 -4.54
C GLY A 109 10.06 10.31 -3.91
N TYR A 110 10.86 9.26 -4.18
CA TYR A 110 10.56 7.94 -3.65
C TYR A 110 11.80 7.12 -3.61
N ARG A 111 11.70 5.99 -2.92
CA ARG A 111 12.79 5.02 -2.91
C ARG A 111 12.18 3.65 -3.11
N GLU A 112 12.98 2.79 -3.72
CA GLU A 112 12.58 1.40 -3.92
CA GLU A 112 12.57 1.39 -3.90
C GLU A 112 13.37 0.51 -3.00
N ILE A 113 12.73 -0.51 -2.47
CA ILE A 113 13.41 -1.49 -1.62
CA ILE A 113 13.40 -1.54 -1.64
C ILE A 113 14.13 -2.48 -2.59
N PRO A 114 15.37 -2.90 -2.25
CA PRO A 114 16.13 -3.86 -3.07
C PRO A 114 15.29 -5.11 -3.35
N GLU A 115 15.25 -5.51 -4.59
CA GLU A 115 14.33 -6.55 -5.01
C GLU A 115 14.51 -7.85 -4.26
N GLY A 116 13.42 -8.34 -3.68
CA GLY A 116 13.41 -9.61 -2.97
C GLY A 116 13.93 -9.61 -1.57
N ASN A 117 14.37 -8.45 -1.07
CA ASN A 117 15.05 -8.41 0.23
C ASN A 117 14.10 -8.03 1.34
N GLU A 118 13.59 -9.04 2.04
CA GLU A 118 12.66 -8.78 3.14
C GLU A 118 13.33 -8.10 4.34
N LYS A 119 14.62 -8.31 4.56
CA LYS A 119 15.30 -7.58 5.66
C LYS A 119 15.33 -6.06 5.35
N ALA A 120 15.58 -5.71 4.11
CA ALA A 120 15.59 -4.30 3.70
C ALA A 120 14.16 -3.76 3.79
N LEU A 121 13.14 -4.55 3.41
CA LEU A 121 11.74 -4.10 3.58
C LEU A 121 11.43 -3.81 5.05
N LYS A 122 11.87 -4.71 5.96
CA LYS A 122 11.64 -4.53 7.37
C LYS A 122 12.32 -3.23 7.83
N ARG A 123 13.55 -3.02 7.42
CA ARG A 123 14.25 -1.81 7.86
C ARG A 123 13.53 -0.55 7.33
N ALA A 124 13.01 -0.60 6.12
CA ALA A 124 12.29 0.55 5.60
C ALA A 124 11.01 0.78 6.38
N VAL A 125 10.23 -0.27 6.65
CA VAL A 125 9.02 -0.07 7.42
C VAL A 125 9.38 0.54 8.80
N ALA A 126 10.45 0.04 9.42
CA ALA A 126 10.84 0.57 10.75
C ALA A 126 11.26 2.05 10.69
N ARG A 127 11.99 2.43 9.65
CA ARG A 127 12.55 3.79 9.59
C ARG A 127 11.60 4.81 9.04
N VAL A 128 10.75 4.40 8.09
CA VAL A 128 9.90 5.30 7.33
C VAL A 128 8.46 5.33 7.77
N GLY A 129 7.82 4.17 7.87
CA GLY A 129 6.40 4.08 8.07
C GLY A 129 5.85 3.06 7.05
N PRO A 130 4.54 3.10 6.79
CA PRO A 130 3.94 2.15 5.83
C PRO A 130 4.60 2.21 4.44
N VAL A 131 4.79 1.02 3.85
CA VAL A 131 5.48 0.89 2.58
C VAL A 131 4.56 0.20 1.57
N SER A 132 4.49 0.72 0.36
CA SER A 132 3.69 0.09 -0.70
C SER A 132 4.38 -1.21 -1.18
N VAL A 133 3.61 -2.29 -1.32
CA VAL A 133 4.17 -3.56 -1.76
C VAL A 133 3.22 -4.23 -2.76
N ALA A 134 3.78 -5.10 -3.58
CA ALA A 134 2.99 -5.91 -4.52
C ALA A 134 3.13 -7.37 -4.18
N ILE A 135 2.05 -8.12 -4.42
CA ILE A 135 2.00 -9.57 -4.11
C ILE A 135 1.23 -10.33 -5.18
N ASP A 136 1.43 -11.65 -5.13
CA ASP A 136 0.49 -12.57 -5.79
C ASP A 136 -0.70 -12.76 -4.85
N ALA A 137 -1.86 -12.22 -5.22
CA ALA A 137 -3.09 -12.35 -4.46
C ALA A 137 -4.08 -13.23 -5.24
N SER A 138 -3.58 -14.07 -6.16
CA SER A 138 -4.49 -14.85 -7.02
C SER A 138 -5.03 -16.11 -6.38
N LEU A 139 -4.41 -16.61 -5.32
CA LEU A 139 -4.89 -17.88 -4.78
C LEU A 139 -6.19 -17.72 -4.06
N THR A 140 -7.08 -18.70 -4.20
CA THR A 140 -8.32 -18.60 -3.43
C THR A 140 -8.02 -18.64 -1.91
N SER A 141 -6.91 -19.30 -1.48
CA SER A 141 -6.60 -19.33 -0.03
C SER A 141 -6.32 -17.90 0.48
N PHE A 142 -5.64 -17.08 -0.35
CA PHE A 142 -5.40 -15.68 0.04
C PHE A 142 -6.73 -14.99 0.15
N GLN A 143 -7.55 -15.15 -0.91
CA GLN A 143 -8.81 -14.45 -0.95
C GLN A 143 -9.79 -14.79 0.17
N PHE A 144 -9.76 -16.05 0.64
CA PHE A 144 -10.59 -16.50 1.73
C PHE A 144 -9.95 -16.34 3.11
N TYR A 145 -8.82 -15.62 3.21
CA TYR A 145 -8.16 -15.46 4.48
C TYR A 145 -9.13 -14.93 5.56
N SER A 146 -8.96 -15.44 6.77
CA SER A 146 -9.72 -14.88 7.90
C SER A 146 -8.83 -14.61 9.12
N LYS A 147 -7.86 -15.47 9.40
CA LYS A 147 -7.04 -15.36 10.63
CA LYS A 147 -7.05 -15.33 10.63
C LYS A 147 -5.69 -16.00 10.45
N GLY A 148 -4.79 -15.69 11.37
CA GLY A 148 -3.48 -16.33 11.41
C GLY A 148 -2.48 -15.71 10.47
N VAL A 149 -1.32 -16.32 10.35
CA VAL A 149 -0.28 -15.82 9.48
C VAL A 149 -0.38 -16.59 8.20
N TYR A 150 -0.78 -15.90 7.14
CA TYR A 150 -1.01 -16.55 5.86
C TYR A 150 0.25 -17.02 5.19
N TYR A 151 0.21 -18.31 4.77
CA TYR A 151 1.27 -18.90 4.00
C TYR A 151 0.65 -19.97 3.12
N ASP A 152 0.95 -19.96 1.83
CA ASP A 152 0.48 -21.01 0.94
C ASP A 152 1.67 -21.33 0.10
N GLU A 153 2.03 -22.63 0.11
CA GLU A 153 3.17 -23.09 -0.67
C GLU A 153 3.08 -22.78 -2.20
N SER A 154 1.85 -22.64 -2.70
CA SER A 154 1.58 -22.39 -4.09
CA SER A 154 1.75 -22.39 -4.15
C SER A 154 1.67 -20.92 -4.50
N CYS A 155 1.85 -20.02 -3.53
CA CYS A 155 1.95 -18.59 -3.89
C CYS A 155 3.17 -18.37 -4.82
N ASN A 156 3.06 -17.54 -5.83
CA ASN A 156 4.16 -17.41 -6.81
C ASN A 156 4.74 -16.02 -6.80
N SER A 157 5.97 -15.95 -6.29
CA SER A 157 6.65 -14.64 -6.14
CA SER A 157 6.73 -14.65 -6.15
C SER A 157 6.98 -13.94 -7.44
N ASP A 158 6.91 -14.68 -8.55
CA ASP A 158 7.11 -14.14 -9.89
C ASP A 158 5.80 -13.75 -10.60
N ASN A 159 4.68 -13.88 -9.87
CA ASN A 159 3.38 -13.58 -10.47
C ASN A 159 2.74 -12.46 -9.67
N LEU A 160 3.33 -11.27 -9.66
CA LEU A 160 2.73 -10.15 -8.89
C LEU A 160 1.48 -9.70 -9.64
N ASN A 161 0.39 -9.51 -8.93
CA ASN A 161 -0.85 -9.10 -9.58
C ASN A 161 -1.71 -8.17 -8.72
N HIS A 162 -1.23 -7.79 -7.54
N HIS A 162 -1.23 -7.84 -7.49
CA HIS A 162 -2.05 -6.91 -6.69
CA HIS A 162 -2.03 -6.98 -6.61
C HIS A 162 -1.05 -6.08 -5.91
C HIS A 162 -1.17 -6.17 -5.66
N ALA A 163 -1.52 -4.92 -5.43
CA ALA A 163 -0.72 -3.99 -4.63
C ALA A 163 -1.47 -3.70 -3.33
N VAL A 164 -0.74 -3.69 -2.24
CA VAL A 164 -1.28 -3.52 -0.90
C VAL A 164 -0.33 -2.63 -0.10
N LEU A 165 -0.51 -2.54 1.23
CA LEU A 165 0.30 -1.62 2.03
C LEU A 165 0.79 -2.36 3.26
N ALA A 166 2.09 -2.41 3.46
CA ALA A 166 2.68 -3.02 4.66
C ALA A 166 2.71 -1.92 5.75
N VAL A 167 1.88 -2.09 6.76
CA VAL A 167 1.76 -1.08 7.84
C VAL A 167 2.50 -1.51 9.09
N GLY A 168 3.22 -2.62 9.06
CA GLY A 168 3.96 -3.06 10.22
C GLY A 168 4.43 -4.47 10.00
N TYR A 169 5.06 -5.04 11.02
CA TYR A 169 5.57 -6.42 10.94
C TYR A 169 5.67 -6.93 12.38
N GLY A 170 5.74 -8.22 12.57
CA GLY A 170 5.79 -8.74 13.93
C GLY A 170 5.85 -10.24 13.87
N ILE A 171 5.17 -10.85 14.83
CA ILE A 171 5.18 -12.31 14.95
C ILE A 171 3.91 -12.76 15.64
N GLN A 172 3.44 -13.97 15.33
CA GLN A 172 2.26 -14.49 16.01
CA GLN A 172 2.24 -14.53 16.00
C GLN A 172 2.45 -16.01 16.07
N LYS A 173 2.30 -16.58 17.26
CA LYS A 173 2.57 -18.00 17.50
CA LYS A 173 2.56 -18.02 17.51
C LYS A 173 3.92 -18.46 16.91
N GLY A 174 4.93 -17.59 17.02
CA GLY A 174 6.23 -17.91 16.49
C GLY A 174 6.44 -17.72 15.02
N ASN A 175 5.39 -17.33 14.30
CA ASN A 175 5.48 -17.13 12.83
C ASN A 175 5.68 -15.65 12.53
N LYS A 176 6.83 -15.29 12.00
CA LYS A 176 7.09 -13.90 11.62
C LYS A 176 6.07 -13.47 10.54
N HIS A 177 5.63 -12.21 10.62
CA HIS A 177 4.64 -11.73 9.65
C HIS A 177 4.85 -10.25 9.29
N TRP A 178 4.15 -9.91 8.22
CA TRP A 178 3.92 -8.53 7.74
C TRP A 178 2.44 -8.24 8.04
N ILE A 179 2.17 -7.01 8.50
CA ILE A 179 0.76 -6.54 8.72
C ILE A 179 0.37 -5.81 7.42
N ILE A 180 -0.62 -6.34 6.72
CA ILE A 180 -0.98 -5.86 5.38
C ILE A 180 -2.38 -5.29 5.31
N LYS A 181 -2.49 -4.04 4.87
CA LYS A 181 -3.79 -3.37 4.66
C LYS A 181 -4.16 -3.62 3.18
N ASN A 182 -5.30 -4.24 2.97
CA ASN A 182 -5.83 -4.42 1.61
C ASN A 182 -6.82 -3.27 1.30
N SER A 183 -7.36 -3.29 0.07
CA SER A 183 -8.34 -2.31 -0.41
C SER A 183 -9.56 -3.03 -0.98
N TRP A 184 -9.98 -4.11 -0.31
CA TRP A 184 -11.16 -4.89 -0.69
C TRP A 184 -12.29 -4.68 0.35
N GLY A 185 -12.20 -3.59 1.11
CA GLY A 185 -13.21 -3.29 2.11
C GLY A 185 -12.99 -4.00 3.41
N GLU A 186 -13.71 -3.57 4.44
CA GLU A 186 -13.62 -4.21 5.76
C GLU A 186 -14.30 -5.53 5.87
N ASN A 187 -15.14 -5.90 4.94
CA ASN A 187 -15.78 -7.24 5.02
C ASN A 187 -14.78 -8.32 4.57
N TRP A 188 -13.67 -7.93 3.89
CA TRP A 188 -12.70 -8.92 3.43
C TRP A 188 -11.70 -9.21 4.56
N GLY A 189 -11.16 -10.45 4.59
CA GLY A 189 -10.04 -10.73 5.49
C GLY A 189 -10.35 -10.51 6.92
N ASN A 190 -9.42 -9.99 7.70
CA ASN A 190 -9.67 -9.69 9.10
C ASN A 190 -9.86 -8.17 9.21
N LYS A 191 -11.10 -7.72 9.05
CA LYS A 191 -11.42 -6.29 9.05
C LYS A 191 -10.68 -5.53 7.97
N GLY A 192 -10.41 -6.22 6.85
CA GLY A 192 -9.72 -5.60 5.72
C GLY A 192 -8.23 -5.82 5.68
N TYR A 193 -7.67 -6.48 6.71
CA TYR A 193 -6.24 -6.75 6.87
C TYR A 193 -5.94 -8.24 6.73
N ILE A 194 -4.65 -8.50 6.48
CA ILE A 194 -4.13 -9.86 6.48
C ILE A 194 -2.73 -9.83 7.07
N LEU A 195 -2.41 -10.84 7.89
CA LEU A 195 -1.00 -11.05 8.32
C LEU A 195 -0.39 -12.03 7.34
N MET A 196 0.71 -11.65 6.68
CA MET A 196 1.36 -12.52 5.66
C MET A 196 2.72 -12.97 6.13
N ALA A 197 3.07 -14.23 5.84
CA ALA A 197 4.35 -14.77 6.30
C ALA A 197 5.53 -13.91 5.88
N ARG A 198 6.47 -13.74 6.83
CA ARG A 198 7.68 -12.97 6.62
C ARG A 198 8.91 -13.86 6.76
N ASN A 199 9.87 -13.60 5.90
CA ASN A 199 11.14 -14.37 5.82
C ASN A 199 10.91 -15.83 5.41
N LYS A 200 9.79 -16.12 4.76
CA LYS A 200 9.49 -17.47 4.25
C LYS A 200 9.73 -17.48 2.74
N ASN A 201 10.99 -17.30 2.36
CA ASN A 201 11.37 -17.29 0.96
C ASN A 201 10.57 -16.25 0.15
N ASN A 202 10.42 -15.05 0.73
CA ASN A 202 9.72 -13.94 0.05
C ASN A 202 8.35 -14.40 -0.46
N ALA A 203 7.58 -14.91 0.47
CA ALA A 203 6.30 -15.54 0.16
C ALA A 203 5.37 -14.55 -0.56
N CYS A 204 4.80 -15.00 -1.66
CA CYS A 204 3.90 -14.22 -2.51
C CYS A 204 4.59 -13.00 -3.14
N GLY A 205 5.90 -12.95 -3.08
CA GLY A 205 6.64 -11.87 -3.73
C GLY A 205 6.59 -10.54 -2.99
N ILE A 206 6.30 -10.57 -1.69
CA ILE A 206 6.08 -9.38 -0.85
CA ILE A 206 6.04 -9.32 -0.97
C ILE A 206 7.18 -8.32 -0.96
N ALA A 207 8.45 -8.73 -1.13
CA ALA A 207 9.54 -7.76 -1.24
C ALA A 207 10.03 -7.58 -2.66
N ASN A 208 9.33 -8.07 -3.67
CA ASN A 208 9.77 -7.89 -5.03
C ASN A 208 9.55 -6.53 -5.67
N LEU A 209 8.55 -5.76 -5.22
CA LEU A 209 8.25 -4.48 -5.86
C LEU A 209 7.70 -3.50 -4.81
N ALA A 210 8.54 -3.22 -3.81
CA ALA A 210 8.18 -2.37 -2.70
C ALA A 210 8.79 -1.00 -2.84
N SER A 211 8.09 0.03 -2.40
CA SER A 211 8.56 1.40 -2.51
C SER A 211 7.82 2.28 -1.53
N PHE A 212 8.38 3.46 -1.30
CA PHE A 212 7.72 4.43 -0.40
C PHE A 212 8.05 5.83 -0.88
N PRO A 213 7.17 6.79 -0.59
CA PRO A 213 7.40 8.18 -1.00
C PRO A 213 8.22 8.94 0.07
N LYS A 214 8.91 9.95 -0.41
CA LYS A 214 9.59 10.93 0.44
C LYS A 214 8.65 12.16 0.60
N MET A 215 8.71 12.85 1.72
CA MET A 215 7.91 14.06 1.99
C MET A 215 8.79 15.10 2.63
C11 3XT B . -0.05 -5.68 -10.47
C10 3XT B . 1.49 -5.88 -10.46
C9 3XT B . 2.11 -5.23 -9.26
C8 3XT B . 1.75 -3.70 -9.23
C1 3XT B . -4.74 -3.97 -8.74
C2 3XT B . -4.20 -4.53 -10.03
N1 3XT B . -6.04 -3.76 -8.46
C7 3XT B . 0.27 -3.48 -9.33
O5 3XT B . -2.25 -2.73 -10.77
C4 3XT B . -1.87 -3.86 -10.44
C6 3XT B . -0.37 -4.18 -10.51
C13 3XT B . -0.34 -3.89 -12.97
C15 3XT B . 0.03 -3.03 -14.11
C16 3XT B . -0.77 -3.07 -15.25
C17 3XT B . -0.48 -2.22 -16.27
C18 3XT B . 0.56 -1.32 -16.26
C19 3XT B . 1.41 -1.31 -15.15
C20 3XT B . 1.13 -2.16 -14.08
O14 3XT B . -1.21 -4.78 -13.09
N3 3XT B . -2.71 -4.80 -10.05
N12 3XT B . 0.14 -3.57 -11.75
N21 3XT B . 0.78 -0.43 -17.35
F22 3XT B . -1.28 -2.26 -17.39
N1 I37 C . -5.00 -4.37 -12.71
C1 I37 C . -4.61 -4.44 -11.61
C2 I37 C . -4.16 -4.58 -10.13
N3 I37 C . -2.70 -4.84 -10.13
C4 I37 C . -1.86 -3.86 -10.44
O5 I37 C . -2.27 -2.74 -10.71
C6 I37 C . -0.37 -4.18 -10.51
C7 I37 C . 0.27 -3.48 -9.33
C8 I37 C . 1.75 -3.70 -9.23
C9 I37 C . 2.11 -5.23 -9.26
C10 I37 C . 1.49 -5.88 -10.45
C11 I37 C . -0.05 -5.68 -10.47
N12 I37 C . 0.15 -3.57 -11.75
C13 I37 C . -0.34 -3.89 -12.97
O14 I37 C . -1.21 -4.78 -13.09
C15 I37 C . 0.03 -3.03 -14.11
C16 I37 C . -0.76 -3.07 -15.24
C17 I37 C . -0.47 -2.22 -16.27
C18 I37 C . 0.57 -1.32 -16.26
C19 I37 C . 1.42 -1.32 -15.14
C20 I37 C . 1.14 -2.16 -14.07
N21 I37 C . 0.78 -0.43 -17.35
F22 I37 C . -1.28 -2.26 -17.39
S SO4 D . -19.13 -13.08 4.47
O1 SO4 D . -18.48 -12.73 3.22
O2 SO4 D . -19.83 -14.22 3.95
O3 SO4 D . -18.23 -13.52 5.58
O4 SO4 D . -19.92 -11.89 4.84
S SO4 E . 6.13 -9.83 -15.42
O1 SO4 E . 7.15 -10.64 -16.12
O2 SO4 E . 5.61 -10.61 -14.38
O3 SO4 E . 6.94 -8.66 -14.98
O4 SO4 E . 5.02 -9.13 -16.15
S SO4 F . 14.74 -10.19 10.54
O1 SO4 F . 15.56 -11.50 10.45
O2 SO4 F . 14.66 -9.61 9.12
O3 SO4 F . 15.45 -9.04 11.31
O4 SO4 F . 13.49 -10.53 11.29
S SO4 G . -16.77 -2.35 3.09
O1 SO4 G . -16.69 -1.97 1.64
O2 SO4 G . -16.56 -3.92 3.18
O3 SO4 G . -15.69 -1.68 3.89
O4 SO4 G . -18.21 -1.70 3.31
S SO4 H . -9.39 -9.95 16.44
O1 SO4 H . -8.59 -9.71 15.15
O2 SO4 H . -10.47 -10.83 16.17
O3 SO4 H . -8.37 -10.48 17.53
O4 SO4 H . -9.85 -8.68 16.97
S SO4 I . 14.09 11.53 -5.97
O1 SO4 I . 15.43 11.13 -6.72
O2 SO4 I . 13.13 10.32 -5.86
O3 SO4 I . 14.35 12.20 -4.71
O4 SO4 I . 13.47 12.71 -6.84
#